data_5U1Q
#
_entry.id   5U1Q
#
_cell.length_a   122.180
_cell.length_b   47.090
_cell.length_c   94.610
_cell.angle_alpha   90.00
_cell.angle_beta   97.49
_cell.angle_gamma   90.00
#
_symmetry.space_group_name_H-M   'C 1 2 1'
#
loop_
_entity.id
_entity.type
_entity.pdbx_description
1 polymer 'Growth factor receptor-bound protein 7'
2 polymer LYS-PHE-GLU-GLY-TYR-ASP-ASN-GLU-CST
3 non-polymer 'CHLORIDE ION'
4 water water
#
loop_
_entity_poly.entity_id
_entity_poly.type
_entity_poly.pdbx_seq_one_letter_code
_entity_poly.pdbx_strand_id
1 'polypeptide(L)'
;GSPASGTSLSAAIHRTQLWFHGRISREESQRLIGQQGLVDGLFLVRESQRNPQGFVLSLCHLQKVKHYLILPSEEEGRLY
FSMDDGQTRFTDLLQLVEFHQLNRGILPCLLRHCCTRVAL
;
A,B,C,D
2 'polypeptide(L)' KFEGYDNE(48V) L,M,N,P
#
# COMPACT_ATOMS: atom_id res chain seq x y z
N GLN A 17 -2.15 12.87 0.18
CA GLN A 17 -1.73 13.72 -0.94
C GLN A 17 -2.00 15.20 -0.68
N LEU A 18 -3.23 15.63 -0.92
CA LEU A 18 -3.55 17.06 -0.82
C LEU A 18 -3.55 17.56 0.62
N TRP A 19 -3.62 16.69 1.61
CA TRP A 19 -3.57 17.11 3.00
C TRP A 19 -2.14 17.29 3.52
N PHE A 20 -1.12 16.88 2.77
CA PHE A 20 0.27 17.01 3.22
C PHE A 20 0.86 18.31 2.69
N HIS A 21 1.39 19.13 3.60
CA HIS A 21 1.88 20.46 3.29
C HIS A 21 3.39 20.60 3.45
N GLY A 22 4.11 19.50 3.70
CA GLY A 22 5.55 19.61 3.80
C GLY A 22 6.02 20.31 5.05
N ARG A 23 7.08 21.10 4.94
CA ARG A 23 7.78 21.64 6.11
C ARG A 23 7.31 23.06 6.45
N ILE A 24 6.00 23.24 6.60
CA ILE A 24 5.46 24.53 7.05
C ILE A 24 5.45 24.58 8.57
N SER A 25 5.46 25.80 9.11
CA SER A 25 5.48 25.99 10.55
C SER A 25 4.08 25.88 11.14
N ARG A 26 4.04 25.80 12.48
CA ARG A 26 2.78 25.75 13.20
C ARG A 26 1.94 27.00 12.98
N GLU A 27 2.58 28.18 13.06
CA GLU A 27 1.85 29.42 12.86
C GLU A 27 1.27 29.47 11.46
N GLU A 28 2.02 28.96 10.48
CA GLU A 28 1.51 28.92 9.11
C GLU A 28 0.32 27.97 8.99
N SER A 29 0.39 26.81 9.65
CA SER A 29 -0.74 25.88 9.61
C SER A 29 -1.98 26.52 10.21
N GLN A 30 -1.82 27.29 11.29
CA GLN A 30 -2.97 27.95 11.89
C GLN A 30 -3.52 29.03 10.97
N ARG A 31 -2.65 29.74 10.26
CA ARG A 31 -3.12 30.76 9.33
C ARG A 31 -3.87 30.11 8.17
N LEU A 32 -3.32 29.02 7.64
CA LEU A 32 -3.98 28.34 6.51
C LEU A 32 -5.35 27.81 6.93
N ILE A 33 -5.45 27.22 8.12
CA ILE A 33 -6.72 26.67 8.55
C ILE A 33 -7.72 27.79 8.83
N GLY A 34 -7.25 28.89 9.42
CA GLY A 34 -8.13 30.03 9.64
C GLY A 34 -8.63 30.65 8.35
N GLN A 35 -7.76 30.69 7.35
CA GLN A 35 -8.15 31.31 6.09
C GLN A 35 -9.23 30.61 5.29
N GLN A 36 -9.42 29.32 5.59
CA GLN A 36 -10.39 28.46 4.94
C GLN A 36 -11.69 28.26 5.72
N GLY A 37 -11.86 28.98 6.83
CA GLY A 37 -13.09 28.88 7.60
C GLY A 37 -13.19 28.41 9.05
N LEU A 38 -12.16 27.78 9.60
CA LEU A 38 -12.20 27.29 10.98
C LEU A 38 -13.34 26.28 11.20
N VAL A 39 -13.56 25.45 10.19
CA VAL A 39 -14.62 24.44 10.22
C VAL A 39 -14.13 23.21 11.00
N ASP A 40 -15.03 22.56 11.72
CA ASP A 40 -14.71 21.37 12.48
C ASP A 40 -14.25 20.25 11.55
N GLY A 41 -13.13 19.61 11.86
CA GLY A 41 -12.62 18.55 11.02
C GLY A 41 -11.69 18.98 9.91
N LEU A 42 -11.49 20.28 9.70
CA LEU A 42 -10.49 20.74 8.73
C LEU A 42 -9.10 20.47 9.28
N PHE A 43 -8.22 19.92 8.44
CA PHE A 43 -6.94 19.42 8.91
C PHE A 43 -5.88 19.49 7.81
N LEU A 44 -4.62 19.45 8.25
CA LEU A 44 -3.49 19.21 7.36
C LEU A 44 -2.44 18.42 8.13
N VAL A 45 -1.50 17.84 7.40
CA VAL A 45 -0.34 17.17 7.98
C VAL A 45 0.89 17.91 7.50
N ARG A 46 1.82 18.16 8.42
CA ARG A 46 3.05 18.87 8.10
C ARG A 46 4.23 18.13 8.72
N GLU A 47 5.42 18.36 8.17
CA GLU A 47 6.62 17.84 8.81
C GLU A 47 6.89 18.66 10.06
N SER A 48 7.22 17.99 11.16
CA SER A 48 7.52 18.70 12.39
C SER A 48 8.88 19.39 12.29
N GLN A 49 8.89 20.69 12.57
CA GLN A 49 10.13 21.45 12.58
C GLN A 49 10.95 21.23 13.84
N ARG A 50 10.33 20.71 14.90
CA ARG A 50 11.01 20.45 16.16
C ARG A 50 11.28 18.97 16.37
N ASN A 51 10.66 18.09 15.60
CA ASN A 51 11.01 16.67 15.60
C ASN A 51 11.21 16.33 14.12
N PRO A 52 12.48 16.28 13.67
CA PRO A 52 12.71 16.04 12.23
C PRO A 52 12.28 14.67 11.73
N GLN A 53 12.18 13.67 12.59
CA GLN A 53 11.69 12.37 12.12
C GLN A 53 10.20 12.20 12.32
N GLY A 54 9.53 13.25 12.82
CA GLY A 54 8.11 13.24 13.10
C GLY A 54 7.27 14.14 12.21
N PHE A 55 5.96 14.05 12.43
CA PHE A 55 4.98 14.87 11.71
C PHE A 55 3.96 15.40 12.70
N VAL A 56 3.18 16.38 12.25
CA VAL A 56 2.16 16.99 13.10
C VAL A 56 0.85 17.01 12.35
N LEU A 57 -0.20 16.52 12.99
CA LEU A 57 -1.54 16.63 12.45
C LEU A 57 -2.14 17.90 13.04
N SER A 58 -2.41 18.89 12.19
CA SER A 58 -3.01 20.15 12.63
C SER A 58 -4.48 20.10 12.28
N LEU A 59 -5.34 20.32 13.27
CA LEU A 59 -6.76 20.03 13.16
C LEU A 59 -7.59 21.15 13.78
N CYS A 60 -8.67 21.51 13.13
CA CYS A 60 -9.58 22.52 13.66
C CYS A 60 -10.74 21.85 14.37
N HIS A 61 -11.01 22.30 15.60
CA HIS A 61 -12.12 21.76 16.39
C HIS A 61 -12.65 22.85 17.30
N LEU A 62 -13.96 23.12 17.21
CA LEU A 62 -14.62 24.15 18.01
C LEU A 62 -13.94 25.51 17.85
N GLN A 63 -13.71 25.90 16.59
CA GLN A 63 -13.16 27.22 16.25
C GLN A 63 -11.78 27.45 16.87
N LYS A 64 -11.03 26.38 17.07
CA LYS A 64 -9.69 26.39 17.64
C LYS A 64 -8.82 25.39 16.88
N VAL A 65 -7.53 25.72 16.68
CA VAL A 65 -6.60 24.83 15.99
C VAL A 65 -5.77 24.09 17.02
N LYS A 66 -5.76 22.76 16.92
CA LYS A 66 -4.96 21.90 17.78
C LYS A 66 -3.95 21.13 16.93
N HIS A 67 -2.90 20.64 17.59
CA HIS A 67 -1.77 20.01 16.92
C HIS A 67 -1.40 18.72 17.62
N TYR A 68 -1.29 17.64 16.85
CA TYR A 68 -1.04 16.31 17.40
C TYR A 68 0.23 15.74 16.80
N LEU A 69 1.18 15.38 17.65
CA LEU A 69 2.47 14.87 17.21
C LEU A 69 2.35 13.42 16.76
N ILE A 70 2.92 13.11 15.59
CA ILE A 70 2.98 11.76 15.04
C ILE A 70 4.45 11.34 15.03
N LEU A 71 4.76 10.26 15.77
CA LEU A 71 6.15 9.82 15.89
C LEU A 71 6.34 8.43 15.30
N PRO A 72 7.47 8.17 14.65
CA PRO A 72 7.78 6.80 14.19
C PRO A 72 8.35 5.95 15.31
N SER A 73 8.23 4.65 15.13
CA SER A 73 8.73 3.69 16.09
C SER A 73 9.01 2.36 15.40
N GLU A 74 9.80 1.52 16.06
CA GLU A 74 10.15 0.21 15.54
C GLU A 74 9.84 -0.84 16.59
N GLU A 75 9.13 -1.90 16.18
CA GLU A 75 8.94 -3.06 17.04
C GLU A 75 9.18 -4.30 16.21
N GLU A 76 10.14 -5.13 16.64
CA GLU A 76 10.52 -6.34 15.91
C GLU A 76 10.88 -6.03 14.46
N GLY A 77 11.65 -4.95 14.27
CA GLY A 77 12.03 -4.56 12.93
C GLY A 77 10.93 -3.97 12.07
N ARG A 78 9.73 -3.80 12.61
CA ARG A 78 8.61 -3.22 11.86
C ARG A 78 8.47 -1.76 12.23
N LEU A 79 8.50 -0.87 11.23
CA LEU A 79 8.33 0.55 11.46
C LEU A 79 6.85 0.90 11.40
N TYR A 80 6.45 1.88 12.21
CA TYR A 80 5.07 2.36 12.21
C TYR A 80 5.04 3.79 12.74
N PHE A 81 3.92 4.46 12.50
CA PHE A 81 3.63 5.79 13.03
C PHE A 81 2.56 5.70 14.10
N SER A 82 2.63 6.60 15.07
CA SER A 82 1.67 6.59 16.15
C SER A 82 1.59 7.99 16.76
N MET A 83 0.40 8.33 17.23
CA MET A 83 0.16 9.54 18.00
C MET A 83 0.00 9.25 19.48
N ASP A 84 0.03 7.97 19.87
CA ASP A 84 -0.27 7.61 21.26
C ASP A 84 0.71 6.58 21.79
N ASP A 85 1.98 6.68 21.38
CA ASP A 85 3.06 5.81 21.87
C ASP A 85 2.77 4.34 21.59
N GLY A 86 2.30 4.07 20.37
CA GLY A 86 2.17 2.71 19.89
C GLY A 86 0.91 2.00 20.26
N GLN A 87 -0.03 2.66 20.94
CA GLN A 87 -1.31 2.03 21.20
C GLN A 87 -2.08 1.81 19.89
N THR A 88 -1.97 2.77 18.96
CA THR A 88 -2.55 2.66 17.64
C THR A 88 -1.48 2.95 16.61
N ARG A 89 -1.24 1.99 15.72
CA ARG A 89 -0.08 2.01 14.82
C ARG A 89 -0.53 2.04 13.36
N PHE A 90 0.24 2.75 12.54
CA PHE A 90 -0.06 2.90 11.13
C PHE A 90 1.23 2.73 10.32
N THR A 91 1.10 2.10 9.14
CA THR A 91 2.27 1.89 8.30
C THR A 91 2.71 3.18 7.61
N ASP A 92 1.78 4.08 7.33
CA ASP A 92 2.11 5.34 6.66
C ASP A 92 1.11 6.42 7.10
N LEU A 93 1.40 7.66 6.71
CA LEU A 93 0.55 8.77 7.12
C LEU A 93 -0.82 8.70 6.45
N LEU A 94 -0.88 8.17 5.24
CA LEU A 94 -2.17 8.03 4.57
C LEU A 94 -3.11 7.15 5.37
N GLN A 95 -2.61 6.00 5.86
CA GLN A 95 -3.43 5.08 6.65
C GLN A 95 -3.91 5.72 7.95
N LEU A 96 -3.05 6.50 8.60
CA LEU A 96 -3.45 7.22 9.80
C LEU A 96 -4.59 8.18 9.50
N VAL A 97 -4.46 8.94 8.42
CA VAL A 97 -5.48 9.93 8.05
C VAL A 97 -6.78 9.22 7.69
N GLU A 98 -6.70 8.17 6.88
CA GLU A 98 -7.92 7.48 6.44
C GLU A 98 -8.64 6.84 7.61
N PHE A 99 -7.91 6.31 8.58
CA PHE A 99 -8.53 5.75 9.77
C PHE A 99 -9.31 6.81 10.54
N HIS A 100 -8.72 8.00 10.70
CA HIS A 100 -9.33 9.05 11.51
C HIS A 100 -10.37 9.87 10.75
N GLN A 101 -10.56 9.61 9.46
CA GLN A 101 -11.74 10.15 8.80
C GLN A 101 -13.00 9.40 9.23
N LEU A 102 -12.87 8.20 9.80
CA LEU A 102 -14.02 7.46 10.28
C LEU A 102 -14.02 7.19 11.77
N ASN A 103 -12.87 7.23 12.42
CA ASN A 103 -12.75 6.90 13.83
C ASN A 103 -12.03 8.04 14.54
N ARG A 104 -12.58 8.49 15.66
CA ARG A 104 -11.95 9.59 16.39
C ARG A 104 -10.62 9.18 16.99
N GLY A 105 -10.53 7.97 17.55
CA GLY A 105 -9.32 7.63 18.28
C GLY A 105 -9.11 8.64 19.41
N ILE A 106 -7.87 9.07 19.60
CA ILE A 106 -7.55 10.10 20.59
C ILE A 106 -7.91 11.51 20.13
N LEU A 107 -8.42 11.67 18.92
CA LEU A 107 -8.73 13.00 18.43
C LEU A 107 -10.10 13.45 18.93
N PRO A 108 -10.32 14.76 19.05
CA PRO A 108 -11.61 15.26 19.54
C PRO A 108 -12.71 15.22 18.51
N CYS A 109 -12.40 14.99 17.24
CA CYS A 109 -13.41 14.93 16.20
C CYS A 109 -12.80 14.20 15.02
N LEU A 110 -13.64 13.89 14.05
CA LEU A 110 -13.18 13.21 12.84
C LEU A 110 -12.49 14.18 11.90
N LEU A 111 -11.58 13.65 11.08
CA LEU A 111 -11.03 14.45 10.00
C LEU A 111 -12.02 14.49 8.84
N ARG A 112 -12.49 15.69 8.53
CA ARG A 112 -13.57 15.85 7.57
C ARG A 112 -13.16 16.57 6.28
N HIS A 113 -12.39 17.64 6.36
CA HIS A 113 -12.09 18.43 5.18
C HIS A 113 -10.58 18.63 5.04
N CYS A 114 -10.04 18.33 3.86
CA CYS A 114 -8.63 18.54 3.63
C CYS A 114 -8.35 20.01 3.38
N CYS A 115 -7.36 20.52 4.10
CA CYS A 115 -6.93 21.91 3.92
C CYS A 115 -5.99 22.03 2.74
N THR A 116 -6.43 22.72 1.70
CA THR A 116 -5.65 22.88 0.47
C THR A 116 -4.26 23.48 0.71
N SER B 10 -19.61 -8.47 -9.03
CA SER B 10 -18.94 -7.51 -8.15
C SER B 10 -17.48 -7.35 -8.53
N ALA B 11 -16.96 -6.14 -8.38
CA ALA B 11 -15.56 -5.85 -8.68
C ALA B 11 -14.96 -5.00 -7.57
N ALA B 12 -15.30 -5.31 -6.33
CA ALA B 12 -14.75 -4.59 -5.20
C ALA B 12 -13.25 -4.88 -5.04
N ILE B 13 -12.55 -3.93 -4.44
CA ILE B 13 -11.09 -3.99 -4.39
C ILE B 13 -10.63 -5.19 -3.58
N HIS B 14 -11.39 -5.60 -2.56
CA HIS B 14 -10.96 -6.76 -1.78
C HIS B 14 -10.85 -8.02 -2.63
N ARG B 15 -11.55 -8.08 -3.76
CA ARG B 15 -11.44 -9.25 -4.64
C ARG B 15 -10.09 -9.35 -5.32
N THR B 16 -9.28 -8.29 -5.30
CA THR B 16 -7.92 -8.34 -5.81
C THR B 16 -6.92 -8.85 -4.77
N GLN B 17 -7.36 -9.20 -3.56
CA GLN B 17 -6.44 -9.47 -2.47
C GLN B 17 -6.27 -10.98 -2.27
N LEU B 18 -5.08 -11.37 -1.84
CA LEU B 18 -4.78 -12.80 -1.73
C LEU B 18 -5.45 -13.45 -0.54
N TRP B 19 -5.87 -12.66 0.46
CA TRP B 19 -6.58 -13.22 1.60
C TRP B 19 -8.07 -13.38 1.35
N PHE B 20 -8.61 -12.88 0.24
CA PHE B 20 -10.04 -13.00 -0.03
C PHE B 20 -10.33 -14.29 -0.80
N HIS B 21 -11.20 -15.14 -0.24
CA HIS B 21 -11.46 -16.46 -0.78
C HIS B 21 -12.91 -16.66 -1.24
N GLY B 22 -13.67 -15.58 -1.41
CA GLY B 22 -14.99 -15.74 -1.99
C GLY B 22 -15.96 -16.40 -1.05
N ARG B 23 -16.81 -17.28 -1.61
CA ARG B 23 -17.93 -17.85 -0.88
C ARG B 23 -17.61 -19.22 -0.30
N ILE B 24 -16.47 -19.36 0.37
CA ILE B 24 -16.18 -20.64 0.99
C ILE B 24 -16.86 -20.68 2.35
N SER B 25 -17.17 -21.90 2.78
CA SER B 25 -17.93 -22.11 4.00
C SER B 25 -17.02 -22.03 5.21
N ARG B 26 -17.65 -22.01 6.39
CA ARG B 26 -16.87 -22.00 7.63
C ARG B 26 -16.05 -23.27 7.76
N GLU B 27 -16.66 -24.43 7.47
CA GLU B 27 -15.93 -25.69 7.57
C GLU B 27 -14.78 -25.73 6.56
N GLU B 28 -15.02 -25.15 5.39
CA GLU B 28 -13.99 -25.07 4.35
C GLU B 28 -12.84 -24.18 4.81
N SER B 29 -13.15 -23.02 5.37
CA SER B 29 -12.11 -22.13 5.85
C SER B 29 -11.29 -22.81 6.95
N GLN B 30 -11.96 -23.57 7.82
CA GLN B 30 -11.23 -24.27 8.88
C GLN B 30 -10.32 -25.37 8.31
N ARG B 31 -10.77 -26.08 7.26
CA ARG B 31 -9.91 -27.07 6.63
C ARG B 31 -8.74 -26.40 5.94
N LEU B 32 -9.00 -25.31 5.22
CA LEU B 32 -7.94 -24.63 4.49
C LEU B 32 -6.87 -24.08 5.44
N ILE B 33 -7.29 -23.50 6.56
CA ILE B 33 -6.33 -22.97 7.53
C ILE B 33 -5.59 -24.12 8.23
N GLY B 34 -6.29 -25.22 8.52
CA GLY B 34 -5.64 -26.37 9.09
C GLY B 34 -4.60 -26.99 8.16
N GLN B 35 -4.88 -26.96 6.86
CA GLN B 35 -3.95 -27.55 5.91
C GLN B 35 -2.68 -26.72 5.75
N GLN B 36 -2.69 -25.45 6.15
CA GLN B 36 -1.57 -24.55 5.92
C GLN B 36 -0.74 -24.32 7.18
N GLY B 37 -0.90 -25.16 8.20
CA GLY B 37 0.01 -25.14 9.33
C GLY B 37 -0.61 -24.77 10.65
N LEU B 38 -1.80 -24.16 10.66
CA LEU B 38 -2.43 -23.68 11.88
C LEU B 38 -1.54 -22.66 12.60
N VAL B 39 -0.86 -21.83 11.81
CA VAL B 39 0.06 -20.85 12.38
C VAL B 39 -0.76 -19.66 12.89
N ASP B 40 -0.30 -19.08 13.99
CA ASP B 40 -0.98 -17.94 14.59
C ASP B 40 -0.95 -16.76 13.63
N GLY B 41 -2.08 -16.08 13.49
CA GLY B 41 -2.15 -14.97 12.58
C GLY B 41 -2.50 -15.33 11.16
N LEU B 42 -2.59 -16.63 10.85
CA LEU B 42 -3.03 -17.07 9.53
C LEU B 42 -4.53 -16.76 9.37
N PHE B 43 -4.92 -16.18 8.24
CA PHE B 43 -6.28 -15.66 8.15
C PHE B 43 -6.76 -15.61 6.71
N LEU B 44 -8.09 -15.55 6.57
CA LEU B 44 -8.72 -15.23 5.30
C LEU B 44 -10.02 -14.49 5.55
N VAL B 45 -10.53 -13.86 4.49
CA VAL B 45 -11.82 -13.19 4.52
C VAL B 45 -12.70 -13.84 3.46
N ARG B 46 -13.96 -14.09 3.81
CA ARG B 46 -14.90 -14.76 2.93
C ARG B 46 -16.24 -14.04 2.97
N GLU B 47 -17.03 -14.24 1.93
CA GLU B 47 -18.40 -13.74 1.89
C GLU B 47 -19.31 -14.58 2.77
N SER B 48 -20.23 -13.91 3.47
CA SER B 48 -21.26 -14.61 4.23
C SER B 48 -22.21 -15.29 3.26
N GLN B 49 -22.59 -16.53 3.58
CA GLN B 49 -23.46 -17.26 2.68
C GLN B 49 -24.88 -16.70 2.61
N ARG B 50 -25.31 -15.92 3.61
CA ARG B 50 -26.67 -15.39 3.58
C ARG B 50 -26.80 -13.92 3.96
N ASN B 51 -25.81 -13.29 4.60
CA ASN B 51 -25.92 -11.87 4.95
C ASN B 51 -25.67 -11.00 3.73
N PRO B 52 -26.61 -10.14 3.36
CA PRO B 52 -26.39 -9.28 2.18
C PRO B 52 -25.20 -8.37 2.41
N GLN B 53 -24.17 -8.54 1.56
CA GLN B 53 -22.97 -7.72 1.60
C GLN B 53 -22.16 -7.88 2.89
N GLY B 54 -22.32 -9.00 3.61
CA GLY B 54 -21.55 -9.23 4.83
C GLY B 54 -20.40 -10.18 4.58
N PHE B 55 -19.42 -10.15 5.49
CA PHE B 55 -18.21 -10.95 5.32
C PHE B 55 -17.83 -11.58 6.66
N VAL B 56 -16.93 -12.55 6.59
CA VAL B 56 -16.45 -13.24 7.78
C VAL B 56 -14.93 -13.28 7.72
N LEU B 57 -14.29 -12.86 8.81
CA LEU B 57 -12.84 -12.99 8.98
C LEU B 57 -12.55 -14.28 9.75
N SER B 58 -11.86 -15.21 9.11
CA SER B 58 -11.46 -16.48 9.74
C SER B 58 -10.00 -16.38 10.12
N LEU B 59 -9.71 -16.66 11.39
CA LEU B 59 -8.39 -16.34 11.93
C LEU B 59 -7.92 -17.47 12.85
N CYS B 60 -6.66 -17.83 12.72
CA CYS B 60 -6.07 -18.89 13.54
C CYS B 60 -5.27 -18.29 14.69
N HIS B 61 -5.56 -18.75 15.90
CA HIS B 61 -4.83 -18.31 17.09
C HIS B 61 -4.84 -19.44 18.10
N LEU B 62 -3.66 -19.82 18.58
CA LEU B 62 -3.51 -20.92 19.54
C LEU B 62 -4.16 -22.19 19.01
N GLN B 63 -3.83 -22.52 17.76
CA GLN B 63 -4.27 -23.72 17.06
C GLN B 63 -5.79 -23.83 16.98
N LYS B 64 -6.50 -22.72 17.11
CA LYS B 64 -7.95 -22.73 17.05
C LYS B 64 -8.37 -21.65 16.07
N VAL B 65 -9.34 -21.99 15.24
CA VAL B 65 -9.80 -21.08 14.21
C VAL B 65 -11.05 -20.39 14.74
N LYS B 66 -11.03 -19.05 14.70
CA LYS B 66 -12.15 -18.24 15.16
C LYS B 66 -12.73 -17.48 13.97
N HIS B 67 -13.98 -17.04 14.12
CA HIS B 67 -14.67 -16.41 13.01
C HIS B 67 -15.34 -15.13 13.48
N TYR B 68 -15.07 -14.03 12.77
CA TYR B 68 -15.52 -12.71 13.16
C TYR B 68 -16.41 -12.16 12.06
N LEU B 69 -17.65 -11.88 12.41
CA LEU B 69 -18.59 -11.37 11.43
C LEU B 69 -18.32 -9.91 11.15
N ILE B 70 -18.27 -9.55 9.86
CA ILE B 70 -18.12 -8.18 9.40
C ILE B 70 -19.41 -7.78 8.70
N LEU B 71 -20.08 -6.75 9.23
CA LEU B 71 -21.38 -6.34 8.72
C LEU B 71 -21.30 -4.92 8.14
N PRO B 72 -22.05 -4.66 7.08
CA PRO B 72 -22.12 -3.30 6.54
C PRO B 72 -23.13 -2.46 7.30
N SER B 73 -22.92 -1.15 7.26
CA SER B 73 -23.83 -0.21 7.87
C SER B 73 -23.69 1.12 7.16
N GLU B 74 -24.68 1.99 7.34
CA GLU B 74 -24.68 3.28 6.67
C GLU B 74 -24.79 4.37 7.73
N GLU B 75 -23.92 5.36 7.63
CA GLU B 75 -23.94 6.52 8.50
C GLU B 75 -24.19 7.70 7.59
N GLU B 76 -25.38 8.30 7.73
CA GLU B 76 -25.93 9.24 6.76
C GLU B 76 -26.01 8.48 5.43
N GLY B 77 -25.29 8.90 4.39
CA GLY B 77 -25.30 8.19 3.12
C GLY B 77 -24.04 7.41 2.81
N ARG B 78 -23.10 7.36 3.75
CA ARG B 78 -21.82 6.68 3.56
C ARG B 78 -21.84 5.29 4.20
N LEU B 79 -21.41 4.29 3.44
CA LEU B 79 -21.33 2.92 3.92
C LEU B 79 -20.02 2.71 4.67
N TYR B 80 -20.05 1.81 5.65
CA TYR B 80 -18.83 1.40 6.34
C TYR B 80 -19.03 -0.03 6.81
N PHE B 81 -17.91 -0.71 7.07
CA PHE B 81 -17.89 -2.06 7.60
C PHE B 81 -17.37 -2.06 9.03
N SER B 82 -17.88 -2.99 9.82
CA SER B 82 -17.48 -3.03 11.22
C SER B 82 -17.68 -4.45 11.74
N MET B 83 -16.84 -4.82 12.68
CA MET B 83 -16.96 -6.06 13.45
C MET B 83 -17.53 -5.83 14.83
N ASP B 84 -17.82 -4.58 15.20
CA ASP B 84 -18.21 -4.29 16.58
C ASP B 84 -19.36 -3.30 16.65
N ASP B 85 -20.29 -3.37 15.70
CA ASP B 85 -21.48 -2.51 15.68
C ASP B 85 -21.11 -1.04 15.59
N GLY B 86 -20.10 -0.69 14.81
CA GLY B 86 -19.78 0.69 14.58
C GLY B 86 -18.82 1.33 15.57
N GLN B 87 -18.27 0.57 16.52
CA GLN B 87 -17.24 1.13 17.38
C GLN B 87 -15.99 1.47 16.57
N THR B 88 -15.63 0.60 15.64
CA THR B 88 -14.50 0.81 14.74
C THR B 88 -14.99 0.59 13.32
N ARG B 89 -14.86 1.60 12.48
CA ARG B 89 -15.47 1.60 11.17
C ARG B 89 -14.42 1.71 10.08
N PHE B 90 -14.69 1.04 8.95
CA PHE B 90 -13.77 1.02 7.83
C PHE B 90 -14.56 1.24 6.56
N THR B 91 -13.96 1.94 5.60
CA THR B 91 -14.66 2.19 4.34
C THR B 91 -14.76 0.93 3.48
N ASP B 92 -13.78 0.04 3.58
CA ASP B 92 -13.78 -1.19 2.80
C ASP B 92 -13.03 -2.26 3.57
N LEU B 93 -13.07 -3.50 3.06
CA LEU B 93 -12.42 -4.62 3.73
C LEU B 93 -10.91 -4.48 3.72
N LEU B 94 -10.35 -3.84 2.69
CA LEU B 94 -8.90 -3.66 2.64
C LEU B 94 -8.43 -2.79 3.80
N GLN B 95 -9.14 -1.69 4.05
CA GLN B 95 -8.77 -0.84 5.18
C GLN B 95 -8.90 -1.60 6.50
N LEU B 96 -9.95 -2.42 6.63
CA LEU B 96 -10.10 -3.22 7.85
C LEU B 96 -8.94 -4.20 8.02
N VAL B 97 -8.58 -4.90 6.95
CA VAL B 97 -7.50 -5.88 7.04
C VAL B 97 -6.17 -5.20 7.30
N GLU B 98 -5.89 -4.11 6.59
CA GLU B 98 -4.61 -3.44 6.77
C GLU B 98 -4.46 -2.89 8.18
N PHE B 99 -5.56 -2.40 8.76
CA PHE B 99 -5.50 -1.93 10.15
C PHE B 99 -5.14 -3.06 11.09
N HIS B 100 -5.77 -4.21 10.93
CA HIS B 100 -5.61 -5.32 11.86
C HIS B 100 -4.35 -6.13 11.61
N GLN B 101 -3.59 -5.81 10.57
CA GLN B 101 -2.24 -6.34 10.44
C GLN B 101 -1.27 -5.69 11.43
N LEU B 102 -1.62 -4.51 11.96
CA LEU B 102 -0.78 -3.81 12.90
C LEU B 102 -1.42 -3.61 14.25
N ASN B 103 -2.73 -3.70 14.34
CA ASN B 103 -3.46 -3.43 15.57
C ASN B 103 -4.40 -4.59 15.85
N ARG B 104 -4.38 -5.07 17.09
CA ARG B 104 -5.22 -6.22 17.44
C ARG B 104 -6.70 -5.84 17.43
N GLY B 105 -7.03 -4.64 17.90
CA GLY B 105 -8.44 -4.29 18.01
C GLY B 105 -9.15 -5.29 18.88
N ILE B 106 -10.35 -5.70 18.44
CA ILE B 106 -11.08 -6.73 19.17
C ILE B 106 -10.56 -8.13 18.90
N LEU B 107 -9.55 -8.29 18.05
CA LEU B 107 -9.06 -9.61 17.69
C LEU B 107 -8.06 -10.13 18.70
N PRO B 108 -7.90 -11.45 18.82
CA PRO B 108 -6.95 -12.00 19.80
C PRO B 108 -5.51 -11.91 19.38
N CYS B 109 -5.22 -11.59 18.12
CA CYS B 109 -3.85 -11.44 17.65
C CYS B 109 -3.92 -10.69 16.33
N LEU B 110 -2.74 -10.38 15.79
CA LEU B 110 -2.66 -9.67 14.53
C LEU B 110 -2.92 -10.61 13.36
N LEU B 111 -3.36 -10.02 12.24
CA LEU B 111 -3.41 -10.74 10.98
C LEU B 111 -2.01 -10.74 10.40
N ARG B 112 -1.38 -11.92 10.32
CA ARG B 112 0.02 -12.03 9.95
C ARG B 112 0.26 -12.68 8.60
N HIS B 113 -0.43 -13.77 8.27
CA HIS B 113 -0.19 -14.50 7.04
C HIS B 113 -1.48 -14.72 6.28
N CYS B 114 -1.47 -14.39 4.98
CA CYS B 114 -2.64 -14.61 4.15
C CYS B 114 -2.77 -16.10 3.87
N CYS B 115 -3.95 -16.65 4.14
CA CYS B 115 -4.21 -18.06 3.85
C CYS B 115 -4.59 -18.20 2.39
N THR B 116 -3.72 -18.84 1.61
CA THR B 116 -3.93 -19.01 0.18
C THR B 116 -3.16 -20.20 -0.36
N ALA C 11 6.41 19.65 -1.28
CA ALA C 11 5.55 18.75 -0.52
C ALA C 11 5.26 17.46 -1.28
N ALA C 12 6.31 16.82 -1.80
CA ALA C 12 6.10 15.59 -2.56
C ALA C 12 5.83 14.42 -1.62
N ILE C 13 5.19 13.39 -2.17
CA ILE C 13 4.68 12.31 -1.34
C ILE C 13 5.80 11.48 -0.74
N HIS C 14 6.96 11.43 -1.39
CA HIS C 14 8.07 10.67 -0.82
C HIS C 14 8.56 11.27 0.48
N ARG C 15 8.27 12.55 0.73
CA ARG C 15 8.67 13.16 2.00
C ARG C 15 7.99 12.52 3.20
N THR C 16 6.86 11.84 2.99
CA THR C 16 6.16 11.15 4.07
C THR C 16 6.71 9.76 4.35
N GLN C 17 7.80 9.35 3.70
CA GLN C 17 8.30 7.99 3.79
C GLN C 17 9.52 7.95 4.70
N LEU C 18 9.60 6.91 5.53
CA LEU C 18 10.67 6.86 6.52
C LEU C 18 12.03 6.57 5.89
N TRP C 19 12.08 6.08 4.66
CA TRP C 19 13.38 5.87 4.02
C TRP C 19 13.94 7.13 3.38
N PHE C 20 13.18 8.22 3.31
CA PHE C 20 13.63 9.45 2.66
C PHE C 20 14.31 10.37 3.69
N HIS C 21 15.54 10.80 3.40
CA HIS C 21 16.36 11.54 4.36
C HIS C 21 16.68 12.98 3.93
N GLY C 22 16.06 13.50 2.87
CA GLY C 22 16.32 14.87 2.49
C GLY C 22 17.70 15.09 1.90
N ARG C 23 18.33 16.22 2.18
CA ARG C 23 19.57 16.60 1.51
C ARG C 23 20.82 16.26 2.33
N ILE C 24 20.95 15.01 2.78
CA ILE C 24 22.15 14.59 3.48
C ILE C 24 23.23 14.16 2.49
N SER C 25 24.47 14.20 2.96
CA SER C 25 25.62 13.90 2.12
C SER C 25 25.86 12.39 1.99
N ARG C 26 26.72 12.02 1.05
CA ARG C 26 27.07 10.61 0.88
C ARG C 26 27.80 10.10 2.12
N GLU C 27 28.76 10.87 2.63
CA GLU C 27 29.46 10.43 3.83
C GLU C 27 28.49 10.31 5.00
N GLU C 28 27.53 11.23 5.09
CA GLU C 28 26.52 11.14 6.15
C GLU C 28 25.66 9.90 5.97
N SER C 29 25.29 9.57 4.73
CA SER C 29 24.53 8.35 4.50
C SER C 29 25.33 7.12 4.91
N GLN C 30 26.64 7.12 4.61
CA GLN C 30 27.46 5.99 5.00
C GLN C 30 27.58 5.86 6.52
N ARG C 31 27.61 6.99 7.23
CA ARG C 31 27.65 6.91 8.69
C ARG C 31 26.35 6.34 9.26
N LEU C 32 25.21 6.80 8.76
CA LEU C 32 23.92 6.29 9.26
C LEU C 32 23.79 4.80 9.01
N ILE C 33 24.19 4.34 7.83
CA ILE C 33 24.07 2.91 7.53
C ILE C 33 25.05 2.12 8.38
N GLY C 34 26.25 2.66 8.58
CA GLY C 34 27.20 2.00 9.46
C GLY C 34 26.73 1.96 10.90
N GLN C 35 26.08 3.04 11.36
CA GLN C 35 25.61 3.10 12.72
C GLN C 35 24.44 2.16 12.97
N GLN C 36 23.73 1.75 11.91
CA GLN C 36 22.57 0.89 12.05
C GLN C 36 22.86 -0.56 11.68
N GLY C 37 24.14 -0.95 11.61
CA GLY C 37 24.48 -2.36 11.51
C GLY C 37 25.19 -2.81 10.26
N LEU C 38 25.19 -2.02 9.19
CA LEU C 38 25.77 -2.46 7.91
C LEU C 38 25.08 -3.73 7.41
N VAL C 39 23.77 -3.80 7.61
CA VAL C 39 23.00 -4.99 7.25
C VAL C 39 22.73 -4.99 5.75
N ASP C 40 22.74 -6.17 5.16
CA ASP C 40 22.40 -6.31 3.74
C ASP C 40 20.98 -5.86 3.49
N GLY C 41 20.79 -5.04 2.45
CA GLY C 41 19.47 -4.55 2.15
C GLY C 41 19.09 -3.27 2.86
N LEU C 42 19.94 -2.80 3.77
CA LEU C 42 19.70 -1.51 4.41
C LEU C 42 19.87 -0.39 3.41
N PHE C 43 18.92 0.54 3.40
CA PHE C 43 18.89 1.55 2.36
C PHE C 43 18.23 2.82 2.87
N LEU C 44 18.49 3.91 2.15
CA LEU C 44 17.74 5.15 2.29
C LEU C 44 17.79 5.84 0.94
N VAL C 45 16.93 6.82 0.75
CA VAL C 45 16.91 7.65 -0.45
C VAL C 45 17.12 9.09 -0.02
N ARG C 46 17.99 9.81 -0.75
CA ARG C 46 18.29 11.19 -0.40
C ARG C 46 18.26 12.06 -1.64
N GLU C 47 17.97 13.33 -1.41
CA GLU C 47 18.00 14.33 -2.47
C GLU C 47 19.45 14.67 -2.82
N SER C 48 19.71 14.85 -4.10
CA SER C 48 21.03 15.23 -4.58
C SER C 48 21.27 16.63 -4.08
N GLN C 49 22.47 16.93 -3.60
CA GLN C 49 22.72 18.27 -3.08
C GLN C 49 22.82 19.31 -4.18
N ARG C 50 23.12 18.92 -5.42
CA ARG C 50 23.22 19.89 -6.52
C ARG C 50 22.11 19.70 -7.56
N ASN C 51 21.07 18.96 -7.23
CA ASN C 51 19.94 18.83 -8.14
C ASN C 51 18.70 18.46 -7.32
N PRO C 52 17.79 19.40 -7.07
CA PRO C 52 16.60 19.08 -6.27
C PRO C 52 15.69 18.06 -6.95
N GLN C 53 15.76 17.93 -8.27
CA GLN C 53 14.95 16.94 -8.96
C GLN C 53 15.67 15.61 -9.12
N GLY C 54 16.89 15.48 -8.62
CA GLY C 54 17.62 14.22 -8.67
C GLY C 54 17.71 13.62 -7.28
N PHE C 55 17.89 12.30 -7.24
CA PHE C 55 17.94 11.60 -5.97
C PHE C 55 19.02 10.53 -6.02
N VAL C 56 19.37 10.04 -4.84
CA VAL C 56 20.37 8.99 -4.69
C VAL C 56 19.80 7.93 -3.79
N LEU C 57 19.86 6.69 -4.26
CA LEU C 57 19.54 5.52 -3.45
C LEU C 57 20.85 4.99 -2.86
N SER C 58 20.95 5.01 -1.55
CA SER C 58 22.12 4.48 -0.86
C SER C 58 21.75 3.13 -0.27
N LEU C 59 22.52 2.11 -0.60
CA LEU C 59 22.16 0.73 -0.33
C LEU C 59 23.38 -0.01 0.20
N CYS C 60 23.17 -0.81 1.24
CA CYS C 60 24.24 -1.60 1.83
C CYS C 60 24.19 -3.04 1.33
N HIS C 61 25.33 -3.53 0.86
CA HIS C 61 25.43 -4.90 0.37
C HIS C 61 26.85 -5.40 0.61
N LEU C 62 26.96 -6.55 1.28
CA LEU C 62 28.26 -7.15 1.60
C LEU C 62 29.13 -6.17 2.38
N GLN C 63 28.53 -5.56 3.40
CA GLN C 63 29.20 -4.62 4.31
C GLN C 63 29.82 -3.44 3.57
N LYS C 64 29.25 -3.08 2.42
CA LYS C 64 29.71 -1.95 1.63
C LYS C 64 28.50 -1.16 1.18
N VAL C 65 28.59 0.17 1.24
CA VAL C 65 27.49 1.04 0.87
C VAL C 65 27.71 1.53 -0.55
N LYS C 66 26.72 1.33 -1.40
CA LYS C 66 26.75 1.80 -2.77
C LYS C 66 25.64 2.81 -3.00
N HIS C 67 25.81 3.61 -4.04
CA HIS C 67 24.94 4.75 -4.31
C HIS C 67 24.53 4.74 -5.77
N TYR C 68 23.22 4.85 -6.01
CA TYR C 68 22.65 4.76 -7.35
C TYR C 68 21.91 6.06 -7.64
N LEU C 69 22.30 6.74 -8.70
CA LEU C 69 21.71 8.02 -9.04
C LEU C 69 20.36 7.82 -9.71
N ILE C 70 19.37 8.57 -9.26
CA ILE C 70 18.02 8.55 -9.83
C ILE C 70 17.78 9.91 -10.48
N LEU C 71 17.53 9.88 -11.79
CA LEU C 71 17.35 11.14 -12.51
C LEU C 71 15.93 11.22 -13.09
N PRO C 72 15.35 12.43 -13.11
CA PRO C 72 14.06 12.61 -13.75
C PRO C 72 14.22 12.81 -15.26
N SER C 73 13.15 12.49 -15.98
CA SER C 73 13.14 12.65 -17.43
C SER C 73 11.70 12.80 -17.88
N GLU C 74 11.54 13.23 -19.13
CA GLU C 74 10.23 13.51 -19.69
C GLU C 74 10.00 12.66 -20.94
N GLU C 75 8.82 12.06 -21.01
CA GLU C 75 8.42 11.26 -22.16
C GLU C 75 7.06 11.70 -22.71
N GLY C 77 5.46 14.56 -22.45
CA GLY C 77 5.58 15.60 -21.45
C GLY C 77 5.36 15.05 -20.05
N ARG C 78 5.25 13.73 -19.96
CA ARG C 78 4.98 13.08 -18.69
C ARG C 78 6.30 12.70 -18.04
N LEU C 79 6.46 13.06 -16.78
CA LEU C 79 7.70 12.87 -16.06
C LEU C 79 7.82 11.45 -15.51
N TYR C 80 9.05 10.97 -15.44
CA TYR C 80 9.34 9.68 -14.83
C TYR C 80 10.75 9.71 -14.25
N PHE C 81 11.02 8.79 -13.35
CA PHE C 81 12.34 8.60 -12.74
C PHE C 81 12.97 7.30 -13.23
N SER C 82 14.30 7.29 -13.31
CA SER C 82 15.03 6.15 -13.82
C SER C 82 16.44 6.14 -13.27
N MET C 83 16.98 4.94 -13.05
CA MET C 83 18.37 4.73 -12.70
C MET C 83 19.19 4.20 -13.87
N ASP C 84 18.56 3.95 -15.02
CA ASP C 84 19.26 3.26 -16.11
C ASP C 84 18.95 3.93 -17.45
N ASP C 85 18.88 5.27 -17.43
CA ASP C 85 18.68 6.06 -18.65
C ASP C 85 17.37 5.71 -19.34
N GLY C 86 16.33 5.46 -18.57
CA GLY C 86 15.00 5.26 -19.12
C GLY C 86 14.66 3.85 -19.56
N GLN C 87 15.54 2.88 -19.35
CA GLN C 87 15.17 1.48 -19.63
C GLN C 87 14.09 0.98 -18.67
N THR C 88 14.17 1.35 -17.40
CA THR C 88 13.16 0.99 -16.40
C THR C 88 12.67 2.29 -15.77
N ARG C 89 11.37 2.58 -15.91
CA ARG C 89 10.85 3.89 -15.57
C ARG C 89 9.79 3.80 -14.47
N PHE C 90 9.78 4.83 -13.61
CA PHE C 90 8.86 4.91 -12.49
C PHE C 90 8.26 6.30 -12.42
N THR C 91 6.99 6.37 -12.02
CA THR C 91 6.32 7.67 -11.95
C THR C 91 6.82 8.49 -10.78
N ASP C 92 7.19 7.84 -9.67
CA ASP C 92 7.65 8.55 -8.49
C ASP C 92 8.63 7.66 -7.73
N LEU C 93 9.25 8.23 -6.69
CA LEU C 93 10.22 7.47 -5.93
C LEU C 93 9.58 6.32 -5.18
N LEU C 94 8.34 6.48 -4.73
CA LEU C 94 7.70 5.39 -3.99
C LEU C 94 7.55 4.17 -4.90
N GLN C 95 7.12 4.37 -6.14
CA GLN C 95 6.99 3.24 -7.05
C GLN C 95 8.35 2.58 -7.28
N LEU C 96 9.40 3.39 -7.42
CA LEU C 96 10.73 2.85 -7.61
C LEU C 96 11.16 2.02 -6.42
N VAL C 97 10.96 2.55 -5.21
CA VAL C 97 11.41 1.82 -4.02
C VAL C 97 10.61 0.53 -3.84
N GLU C 98 9.28 0.60 -4.03
CA GLU C 98 8.46 -0.58 -3.83
C GLU C 98 8.77 -1.68 -4.84
N PHE C 99 9.09 -1.32 -6.08
CA PHE C 99 9.48 -2.34 -7.05
C PHE C 99 10.74 -3.07 -6.61
N HIS C 100 11.73 -2.33 -6.13
CA HIS C 100 13.02 -2.89 -5.77
C HIS C 100 13.06 -3.51 -4.39
N GLN C 101 11.97 -3.41 -3.63
CA GLN C 101 11.88 -4.25 -2.45
C GLN C 101 11.60 -5.70 -2.83
N LEU C 102 11.15 -5.97 -4.06
CA LEU C 102 10.87 -7.33 -4.51
C LEU C 102 11.70 -7.76 -5.70
N ASN C 103 12.24 -6.83 -6.47
CA ASN C 103 12.96 -7.13 -7.70
C ASN C 103 14.30 -6.42 -7.66
N ARG C 104 15.37 -7.14 -8.00
CA ARG C 104 16.72 -6.58 -7.95
C ARG C 104 16.91 -5.51 -9.02
N GLY C 105 16.40 -5.75 -10.23
CA GLY C 105 16.71 -4.85 -11.32
C GLY C 105 18.21 -4.76 -11.48
N ILE C 106 18.70 -3.54 -11.67
CA ILE C 106 20.13 -3.35 -11.80
C ILE C 106 20.83 -3.33 -10.44
N LEU C 107 20.08 -3.52 -9.35
CA LEU C 107 20.70 -3.48 -8.03
C LEU C 107 21.29 -4.83 -7.65
N PRO C 108 22.30 -4.85 -6.78
CA PRO C 108 22.93 -6.13 -6.38
C PRO C 108 22.13 -6.94 -5.38
N CYS C 109 21.10 -6.36 -4.79
CA CYS C 109 20.26 -7.06 -3.81
C CYS C 109 18.95 -6.29 -3.70
N LEU C 110 18.02 -6.84 -2.93
CA LEU C 110 16.76 -6.18 -2.68
C LEU C 110 16.91 -5.11 -1.61
N LEU C 111 16.01 -4.12 -1.65
CA LEU C 111 15.87 -3.15 -0.56
C LEU C 111 15.03 -3.80 0.53
N ARG C 112 15.64 -4.05 1.70
CA ARG C 112 14.99 -4.82 2.75
C ARG C 112 14.64 -4.02 3.99
N HIS C 113 15.55 -3.18 4.50
CA HIS C 113 15.36 -2.49 5.77
C HIS C 113 15.56 -0.99 5.60
N CYS C 114 14.59 -0.21 6.08
CA CYS C 114 14.70 1.25 5.99
C CYS C 114 15.71 1.76 7.01
N CYS C 115 16.63 2.60 6.53
CA CYS C 115 17.59 3.26 7.40
C CYS C 115 16.92 4.49 8.01
N THR C 116 16.79 4.50 9.33
CA THR C 116 16.11 5.60 10.02
C THR C 116 17.11 6.64 10.50
N GLN D 17 -10.66 1.37 -8.51
CA GLN D 17 -9.82 0.87 -9.59
C GLN D 17 -10.68 0.35 -10.73
N LEU D 18 -10.88 1.20 -11.73
CA LEU D 18 -11.75 0.89 -12.86
C LEU D 18 -11.18 -0.15 -13.82
N TRP D 19 -9.90 -0.47 -13.72
CA TRP D 19 -9.35 -1.47 -14.65
C TRP D 19 -9.64 -2.89 -14.19
N PHE D 20 -10.10 -3.07 -12.95
CA PHE D 20 -10.43 -4.38 -12.41
C PHE D 20 -11.92 -4.63 -12.60
N HIS D 21 -12.26 -5.74 -13.26
CA HIS D 21 -13.63 -6.03 -13.64
C HIS D 21 -14.22 -7.22 -12.90
N GLY D 22 -13.52 -7.77 -11.93
CA GLY D 22 -14.11 -8.88 -11.20
C GLY D 22 -14.16 -10.15 -12.05
N ARG D 23 -15.24 -10.92 -11.85
CA ARG D 23 -15.34 -12.29 -12.38
C ARG D 23 -16.15 -12.32 -13.68
N ILE D 24 -15.69 -11.55 -14.66
CA ILE D 24 -16.25 -11.56 -15.99
C ILE D 24 -15.51 -12.62 -16.82
N SER D 25 -16.18 -13.08 -17.88
CA SER D 25 -15.69 -14.14 -18.72
C SER D 25 -14.66 -13.61 -19.72
N ARG D 26 -13.94 -14.53 -20.37
CA ARG D 26 -12.99 -14.15 -21.40
C ARG D 26 -13.71 -13.49 -22.57
N GLU D 27 -14.83 -14.09 -23.00
CA GLU D 27 -15.60 -13.51 -24.10
C GLU D 27 -16.13 -12.14 -23.74
N GLU D 28 -16.54 -11.94 -22.49
CA GLU D 28 -16.99 -10.61 -22.07
C GLU D 28 -15.85 -9.60 -22.13
N SER D 29 -14.64 -10.01 -21.73
CA SER D 29 -13.50 -9.11 -21.83
C SER D 29 -13.25 -8.71 -23.27
N GLN D 30 -13.39 -9.66 -24.21
CA GLN D 30 -13.22 -9.34 -25.62
C GLN D 30 -14.29 -8.40 -26.12
N ARG D 31 -15.52 -8.56 -25.63
CA ARG D 31 -16.60 -7.64 -26.00
C ARG D 31 -16.35 -6.25 -25.41
N LEU D 32 -15.93 -6.19 -24.13
CA LEU D 32 -15.67 -4.90 -23.50
C LEU D 32 -14.53 -4.16 -24.18
N ILE D 33 -13.45 -4.88 -24.51
CA ILE D 33 -12.35 -4.26 -25.23
C ILE D 33 -12.75 -3.91 -26.66
N GLY D 34 -13.59 -4.72 -27.29
CA GLY D 34 -14.04 -4.40 -28.63
C GLY D 34 -14.84 -3.11 -28.70
N GLN D 35 -15.68 -2.84 -27.71
CA GLN D 35 -16.50 -1.63 -27.69
C GLN D 35 -15.95 -0.27 -27.32
N GLN D 36 -14.91 -0.29 -26.47
CA GLN D 36 -14.24 0.88 -25.91
C GLN D 36 -13.05 1.42 -26.70
N GLY D 37 -13.01 1.16 -28.01
CA GLY D 37 -11.95 1.67 -28.87
C GLY D 37 -10.95 0.76 -29.57
N LEU D 38 -10.77 -0.45 -29.06
CA LEU D 38 -9.82 -1.42 -29.59
C LEU D 38 -8.45 -0.82 -29.91
N VAL D 39 -8.06 0.21 -29.16
CA VAL D 39 -6.77 0.84 -29.41
C VAL D 39 -5.68 0.05 -28.71
N ASP D 40 -4.50 0.05 -29.31
CA ASP D 40 -3.38 -0.68 -28.73
C ASP D 40 -3.08 -0.16 -27.33
N GLY D 41 -2.85 -1.09 -26.40
CA GLY D 41 -2.64 -0.74 -25.01
C GLY D 41 -3.90 -0.74 -24.16
N LEU D 42 -5.08 -0.94 -24.76
CA LEU D 42 -6.30 -1.08 -23.99
C LEU D 42 -6.28 -2.38 -23.21
N PHE D 43 -6.65 -2.34 -21.93
CA PHE D 43 -6.46 -3.48 -21.07
C PHE D 43 -7.50 -3.48 -19.96
N LEU D 44 -7.70 -4.65 -19.37
CA LEU D 44 -8.44 -4.80 -18.12
C LEU D 44 -7.87 -6.00 -17.40
N VAL D 45 -8.19 -6.09 -16.10
CA VAL D 45 -7.82 -7.24 -15.28
C VAL D 45 -9.10 -7.89 -14.76
N ARG D 46 -9.16 -9.22 -14.83
CA ARG D 46 -10.33 -9.98 -14.38
C ARG D 46 -9.86 -11.17 -13.55
N GLU D 47 -10.76 -11.67 -12.70
CA GLU D 47 -10.48 -12.89 -11.96
C GLU D 47 -10.55 -14.10 -12.87
N SER D 48 -9.58 -15.00 -12.76
CA SER D 48 -9.57 -16.20 -13.58
C SER D 48 -10.60 -17.21 -13.12
N GLN D 49 -11.50 -17.61 -14.02
CA GLN D 49 -12.45 -18.67 -13.71
C GLN D 49 -11.84 -20.05 -13.92
N ARG D 50 -10.76 -20.15 -14.70
CA ARG D 50 -10.17 -21.45 -14.97
C ARG D 50 -9.02 -21.73 -14.02
N ASN D 51 -8.47 -20.69 -13.40
CA ASN D 51 -7.41 -20.83 -12.40
C ASN D 51 -7.84 -20.12 -11.13
N PRO D 52 -8.23 -20.85 -10.09
CA PRO D 52 -8.66 -20.19 -8.85
C PRO D 52 -7.51 -19.42 -8.23
N GLN D 53 -7.84 -18.30 -7.58
CA GLN D 53 -6.88 -17.43 -6.91
C GLN D 53 -5.94 -16.74 -7.90
N GLY D 54 -6.18 -16.90 -9.20
CA GLY D 54 -5.42 -16.24 -10.24
C GLY D 54 -6.25 -15.15 -10.90
N PHE D 55 -5.56 -14.35 -11.71
CA PHE D 55 -6.16 -13.25 -12.44
C PHE D 55 -5.65 -13.27 -13.87
N VAL D 56 -6.32 -12.53 -14.73
CA VAL D 56 -5.95 -12.48 -16.14
C VAL D 56 -5.89 -11.02 -16.56
N LEU D 57 -4.77 -10.65 -17.17
CA LEU D 57 -4.62 -9.37 -17.82
C LEU D 57 -4.98 -9.55 -19.28
N SER D 58 -6.05 -8.90 -19.72
CA SER D 58 -6.48 -8.94 -21.10
C SER D 58 -6.04 -7.64 -21.76
N LEU D 59 -5.31 -7.76 -22.87
CA LEU D 59 -4.63 -6.62 -23.45
C LEU D 59 -4.80 -6.66 -24.96
N CYS D 60 -5.08 -5.50 -25.55
CA CYS D 60 -5.24 -5.39 -26.99
C CYS D 60 -3.96 -4.87 -27.62
N HIS D 61 -3.49 -5.57 -28.65
CA HIS D 61 -2.30 -5.17 -29.38
C HIS D 61 -2.46 -5.62 -30.82
N LEU D 62 -2.29 -4.67 -31.75
CA LEU D 62 -2.43 -4.93 -33.18
C LEU D 62 -3.78 -5.52 -33.52
N GLN D 63 -4.84 -4.91 -32.96
CA GLN D 63 -6.22 -5.31 -33.25
C GLN D 63 -6.51 -6.76 -32.84
N LYS D 64 -5.81 -7.24 -31.81
CA LYS D 64 -6.06 -8.57 -31.27
C LYS D 64 -5.98 -8.53 -29.75
N VAL D 65 -6.88 -9.25 -29.08
CA VAL D 65 -6.89 -9.29 -27.62
C VAL D 65 -6.16 -10.55 -27.18
N LYS D 66 -5.15 -10.38 -26.34
CA LYS D 66 -4.43 -11.51 -25.76
C LYS D 66 -4.64 -11.49 -24.25
N HIS D 67 -4.40 -12.65 -23.63
CA HIS D 67 -4.72 -12.85 -22.23
C HIS D 67 -3.51 -13.42 -21.51
N TYR D 68 -3.13 -12.77 -20.41
CA TYR D 68 -1.92 -13.11 -19.68
C TYR D 68 -2.31 -13.50 -18.27
N LEU D 69 -1.94 -14.72 -17.89
CA LEU D 69 -2.29 -15.24 -16.57
C LEU D 69 -1.38 -14.64 -15.50
N ILE D 70 -1.99 -14.17 -14.41
CA ILE D 70 -1.29 -13.67 -13.24
C ILE D 70 -1.56 -14.64 -12.10
N LEU D 71 -0.49 -15.25 -11.57
CA LEU D 71 -0.59 -16.27 -10.54
C LEU D 71 0.09 -15.80 -9.27
N PRO D 72 -0.45 -16.18 -8.11
CA PRO D 72 0.24 -15.91 -6.86
C PRO D 72 1.30 -16.96 -6.60
N SER D 73 2.29 -16.59 -5.80
CA SER D 73 3.36 -17.51 -5.46
C SER D 73 3.97 -17.08 -4.12
N GLU D 74 4.70 -18.00 -3.50
CA GLU D 74 5.31 -17.77 -2.20
C GLU D 74 6.80 -18.05 -2.27
N GLU D 75 7.60 -17.08 -1.83
CA GLU D 75 9.05 -17.25 -1.69
C GLU D 75 9.47 -16.71 -0.35
N GLU D 76 10.09 -17.55 0.48
CA GLU D 76 10.55 -17.14 1.80
C GLU D 76 9.39 -16.60 2.64
N GLY D 77 8.23 -17.26 2.51
CA GLY D 77 7.02 -16.87 3.22
C GLY D 77 6.36 -15.60 2.75
N ARG D 78 6.90 -14.95 1.73
CA ARG D 78 6.30 -13.73 1.20
C ARG D 78 5.53 -14.06 -0.07
N LEU D 79 4.26 -13.64 -0.12
CA LEU D 79 3.41 -13.87 -1.27
C LEU D 79 3.61 -12.75 -2.29
N TYR D 80 3.48 -13.11 -3.57
CA TYR D 80 3.59 -12.12 -4.64
C TYR D 80 2.81 -12.59 -5.85
N PHE D 81 2.55 -11.66 -6.76
CA PHE D 81 1.93 -11.95 -8.04
C PHE D 81 2.98 -11.83 -9.13
N SER D 82 2.81 -12.65 -10.17
CA SER D 82 3.78 -12.71 -11.25
C SER D 82 3.10 -13.26 -12.50
N MET D 83 3.55 -12.79 -13.66
CA MET D 83 3.16 -13.34 -14.95
C MET D 83 4.25 -14.19 -15.59
N ASP D 84 5.42 -14.29 -14.98
CA ASP D 84 6.57 -14.92 -15.63
C ASP D 84 7.30 -15.86 -14.69
N ASP D 85 6.55 -16.57 -13.84
CA ASP D 85 7.11 -17.56 -12.92
C ASP D 85 8.15 -16.95 -11.97
N GLY D 86 7.87 -15.75 -11.46
CA GLY D 86 8.69 -15.18 -10.43
C GLY D 86 9.90 -14.38 -10.89
N GLN D 87 10.10 -14.24 -12.20
CA GLN D 87 11.18 -13.37 -12.66
C GLN D 87 10.89 -11.91 -12.28
N THR D 88 9.63 -11.50 -12.39
CA THR D 88 9.18 -10.15 -12.00
C THR D 88 8.01 -10.32 -11.05
N ARG D 89 8.15 -9.76 -9.84
CA ARG D 89 7.21 -10.01 -8.76
C ARG D 89 6.56 -8.71 -8.30
N PHE D 90 5.29 -8.80 -7.91
CA PHE D 90 4.53 -7.64 -7.47
C PHE D 90 3.73 -8.00 -6.22
N THR D 91 3.63 -7.03 -5.30
CA THR D 91 2.87 -7.27 -4.07
C THR D 91 1.37 -7.29 -4.35
N ASP D 92 0.91 -6.55 -5.35
CA ASP D 92 -0.50 -6.49 -5.63
C ASP D 92 -0.72 -6.25 -7.11
N LEU D 93 -1.97 -6.37 -7.53
CA LEU D 93 -2.30 -6.21 -8.94
C LEU D 93 -2.10 -4.78 -9.39
N LEU D 94 -2.36 -3.82 -8.51
CA LEU D 94 -2.16 -2.41 -8.86
C LEU D 94 -0.70 -2.13 -9.21
N GLN D 95 0.23 -2.64 -8.40
CA GLN D 95 1.64 -2.43 -8.69
C GLN D 95 2.04 -3.06 -10.02
N LEU D 96 1.47 -4.24 -10.33
CA LEU D 96 1.73 -4.87 -11.61
C LEU D 96 1.24 -3.99 -12.76
N VAL D 97 0.03 -3.46 -12.62
CA VAL D 97 -0.55 -2.62 -13.66
C VAL D 97 0.24 -1.32 -13.79
N GLU D 98 0.57 -0.68 -12.68
CA GLU D 98 1.30 0.59 -12.74
C GLU D 98 2.69 0.40 -13.32
N PHE D 99 3.37 -0.70 -12.98
CA PHE D 99 4.67 -0.97 -13.58
C PHE D 99 4.56 -1.11 -15.09
N HIS D 100 3.55 -1.85 -15.57
CA HIS D 100 3.46 -2.14 -16.99
C HIS D 100 2.82 -1.02 -17.80
N GLN D 101 2.34 0.04 -17.14
CA GLN D 101 1.99 1.24 -17.88
C GLN D 101 3.21 2.01 -18.35
N LEU D 102 4.37 1.73 -17.76
CA LEU D 102 5.62 2.39 -18.13
C LEU D 102 6.68 1.44 -18.69
N ASN D 103 6.61 0.14 -18.39
CA ASN D 103 7.62 -0.84 -18.79
C ASN D 103 6.94 -2.05 -19.42
N ARG D 104 7.46 -2.49 -20.58
CA ARG D 104 6.79 -3.55 -21.33
C ARG D 104 6.86 -4.89 -20.61
N GLY D 105 8.00 -5.21 -20.02
CA GLY D 105 8.17 -6.55 -19.46
C GLY D 105 7.99 -7.60 -20.55
N ILE D 106 7.30 -8.70 -20.20
CA ILE D 106 7.02 -9.75 -21.18
C ILE D 106 5.85 -9.43 -22.08
N LEU D 107 5.24 -8.25 -21.94
CA LEU D 107 4.08 -7.89 -22.75
C LEU D 107 4.51 -7.30 -24.09
N PRO D 108 3.68 -7.41 -25.13
CA PRO D 108 4.08 -6.88 -26.45
C PRO D 108 3.95 -5.37 -26.56
N CYS D 109 3.33 -4.70 -25.60
CA CYS D 109 3.19 -3.25 -25.60
C CYS D 109 2.87 -2.80 -24.18
N LEU D 110 2.86 -1.49 -23.98
CA LEU D 110 2.55 -0.90 -22.68
C LEU D 110 1.04 -0.88 -22.44
N LEU D 111 0.66 -0.88 -21.17
CA LEU D 111 -0.72 -0.62 -20.79
C LEU D 111 -0.96 0.88 -20.83
N ARG D 112 -1.78 1.35 -21.78
CA ARG D 112 -1.95 2.77 -22.01
C ARG D 112 -3.35 3.27 -21.66
N HIS D 113 -4.37 2.56 -22.10
CA HIS D 113 -5.74 3.03 -21.97
C HIS D 113 -6.50 1.99 -21.16
N CYS D 114 -7.04 2.41 -20.03
CA CYS D 114 -7.81 1.57 -19.14
C CYS D 114 -9.22 1.36 -19.70
N CYS D 115 -9.64 0.10 -19.80
CA CYS D 115 -11.02 -0.24 -20.15
C CYS D 115 -11.82 -0.13 -18.86
N THR D 116 -12.68 0.87 -18.75
CA THR D 116 -13.34 1.16 -17.49
C THR D 116 -14.70 0.47 -17.41
N ARG D 117 -15.48 0.84 -16.40
CA ARG D 117 -16.73 0.15 -16.05
C ARG D 117 -16.43 -1.31 -15.68
N LYS E 1 1.51 11.47 26.54
CA LYS E 1 1.49 12.90 26.27
C LYS E 1 2.82 13.37 25.68
N PHE E 2 2.81 14.54 25.06
CA PHE E 2 4.01 15.10 24.45
C PHE E 2 4.01 16.61 24.65
N GLU E 3 5.03 17.12 25.33
CA GLU E 3 5.13 18.55 25.63
C GLU E 3 5.01 19.43 24.39
N GLY E 4 4.15 20.43 24.47
CA GLY E 4 3.93 21.32 23.35
C GLY E 4 2.90 20.86 22.34
N TYR E 5 2.32 19.68 22.53
CA TYR E 5 1.31 19.17 21.61
C TYR E 5 0.05 18.82 22.39
N ASP E 6 -1.02 18.57 21.65
CA ASP E 6 -2.33 18.33 22.26
C ASP E 6 -2.67 16.84 22.42
N ASN E 7 -1.73 15.93 22.14
CA ASN E 7 -2.04 14.50 22.28
C ASN E 7 -2.42 14.19 23.72
N GLU E 8 -3.47 13.39 23.88
CA GLU E 8 -3.91 12.98 25.20
C GLU E 8 -4.28 11.51 25.20
N LYS F 1 -21.67 -8.33 20.16
CA LYS F 1 -21.76 -9.79 20.12
C LYS F 1 -22.66 -10.25 18.98
N PHE F 2 -22.32 -11.40 18.38
CA PHE F 2 -23.05 -11.97 17.24
C PHE F 2 -23.11 -13.49 17.43
N GLU F 3 -24.32 -14.03 17.57
CA GLU F 3 -24.47 -15.45 17.92
C GLU F 3 -23.82 -16.33 16.86
N GLY F 4 -23.02 -17.30 17.33
CA GLY F 4 -22.32 -18.20 16.44
C GLY F 4 -20.99 -17.68 15.96
N TYR F 5 -20.60 -16.47 16.35
CA TYR F 5 -19.33 -15.88 15.97
C TYR F 5 -18.57 -15.45 17.21
N ASP F 6 -17.29 -15.14 17.01
CA ASP F 6 -16.39 -14.87 18.13
C ASP F 6 -16.20 -13.38 18.42
N ASN F 7 -16.99 -12.50 17.79
CA ASN F 7 -16.88 -11.08 18.06
C ASN F 7 -17.15 -10.79 19.54
N GLU F 8 -16.36 -9.88 20.11
CA GLU F 8 -16.61 -9.40 21.48
C GLU F 8 -16.20 -7.94 21.66
N LYS G 1 25.77 4.63 -17.50
CA LYS G 1 26.67 4.79 -16.37
C LYS G 1 26.79 6.26 -15.96
N PHE G 2 27.05 6.50 -14.67
CA PHE G 2 27.10 7.85 -14.14
C PHE G 2 28.32 7.97 -13.24
N GLU G 3 29.25 8.85 -13.61
CA GLU G 3 30.54 8.89 -12.94
C GLU G 3 30.35 9.19 -11.45
N GLY G 4 31.01 8.40 -10.61
CA GLY G 4 30.89 8.52 -9.18
C GLY G 4 29.75 7.73 -8.56
N TYR G 5 28.94 7.06 -9.36
CA TYR G 5 27.84 6.25 -8.85
C TYR G 5 27.96 4.82 -9.37
N ASP G 6 27.21 3.93 -8.76
CA ASP G 6 27.35 2.51 -9.05
C ASP G 6 26.34 2.01 -10.08
N ASN G 7 25.56 2.89 -10.71
CA ASN G 7 24.59 2.49 -11.73
C ASN G 7 25.29 1.77 -12.87
N GLU G 8 24.67 0.70 -13.36
CA GLU G 8 25.17 0.02 -14.56
C GLU G 8 24.02 -0.53 -15.40
N LYS H 1 5.40 -20.23 -19.25
CA LYS H 1 4.28 -20.48 -20.17
C LYS H 1 3.07 -21.12 -19.48
N PHE H 2 1.87 -20.79 -19.94
CA PHE H 2 0.66 -21.25 -19.26
C PHE H 2 -0.37 -21.69 -20.26
N GLU H 3 -0.75 -22.94 -20.11
CA GLU H 3 -1.62 -23.59 -21.06
C GLU H 3 -2.90 -22.81 -21.18
N GLY H 4 -3.23 -22.45 -22.41
CA GLY H 4 -4.41 -21.67 -22.71
C GLY H 4 -4.26 -20.16 -22.62
N TYR H 5 -3.08 -19.65 -22.29
CA TYR H 5 -2.82 -18.20 -22.19
C TYR H 5 -1.65 -17.80 -23.09
N ASP H 6 -1.46 -16.49 -23.23
CA ASP H 6 -0.46 -15.93 -24.15
C ASP H 6 0.88 -15.61 -23.48
N ASN H 7 1.08 -15.98 -22.22
CA ASN H 7 2.35 -15.72 -21.54
C ASN H 7 3.52 -16.39 -22.24
N GLU H 8 4.61 -15.66 -22.40
CA GLU H 8 5.85 -16.27 -22.88
C GLU H 8 7.08 -15.56 -22.29
#